data_5UV6
#
_entry.id   5UV6
#
_cell.length_a   93.564
_cell.length_b   93.564
_cell.length_c   262.158
_cell.angle_alpha   90.000
_cell.angle_beta   90.000
_cell.angle_gamma   90.000
#
_symmetry.space_group_name_H-M   'P 41 21 2'
#
loop_
_entity.id
_entity.type
_entity.pdbx_description
1 polymer 'Opioid-binding protein/cell adhesion molecule'
2 branched beta-D-mannopyranose-(1-4)-2-acetamido-2-deoxy-beta-D-glucopyranose-(1-4)-2-acetamido-2-deoxy-beta-D-glucopyranose
3 non-polymer 2-acetamido-2-deoxy-beta-D-glucopyranose
4 water water
#
_entity_poly.entity_id   1
_entity_poly.type   'polypeptide(L)'
_entity_poly.pdbx_seq_one_letter_code
;ATFPKAMDNVTVRQGESATLRCTIDDRVTRVAWLNRSTILYAGNDKWSIDPRVIILVNTPTQYSIMIQNVDVYDEGPYTC
SVQTDNHPKTSRVHLIVQVPPQIMNISSDITVNEGSSVTLLCLAIGRPEPTVTWRHLSVKEGQGFVSEDEYLEISDIKRD
QSGEYECSALNDVAAPDVRKVKITVNYPPYISKAKNTGVSVGQKGILSCEASAVPMAEFQWFKEETRLATGLDGMRIENK
GRMSTLTFFNVSEKDYGNYTCVATNKLGNTNASITLYGPGAALVPR
;
_entity_poly.pdbx_strand_id   A,B
#
# COMPACT_ATOMS: atom_id res chain seq x y z
N MET A 7 -26.76 -8.79 -1.12
CA MET A 7 -25.38 -8.65 -0.67
C MET A 7 -24.48 -9.63 -1.44
N ASP A 8 -23.17 -9.41 -1.33
CA ASP A 8 -22.15 -10.26 -1.91
C ASP A 8 -21.60 -11.30 -0.95
N ASN A 9 -21.79 -11.11 0.34
CA ASN A 9 -21.11 -11.88 1.36
C ASN A 9 -22.08 -12.90 1.94
N VAL A 10 -21.64 -14.16 2.01
CA VAL A 10 -22.37 -15.21 2.71
C VAL A 10 -21.55 -15.57 3.93
N THR A 11 -22.09 -15.30 5.10
CA THR A 11 -21.37 -15.48 6.35
C THR A 11 -21.99 -16.65 7.07
N VAL A 12 -21.17 -17.64 7.41
CA VAL A 12 -21.64 -18.88 7.99
C VAL A 12 -20.77 -19.20 9.19
N ARG A 13 -21.39 -19.70 10.24
CA ARG A 13 -20.62 -20.12 11.40
C ARG A 13 -19.91 -21.43 11.08
N GLN A 14 -18.65 -21.52 11.51
CA GLN A 14 -17.85 -22.71 11.23
C GLN A 14 -18.51 -23.96 11.79
N GLY A 15 -18.59 -25.00 10.97
CA GLY A 15 -19.27 -26.22 11.36
C GLY A 15 -20.72 -26.28 10.95
N GLU A 16 -21.31 -25.16 10.51
CA GLU A 16 -22.63 -25.12 9.91
C GLU A 16 -22.50 -25.33 8.41
N SER A 17 -23.63 -25.27 7.70
CA SER A 17 -23.66 -25.51 6.27
C SER A 17 -23.84 -24.18 5.55
N ALA A 18 -23.06 -23.97 4.50
CA ALA A 18 -23.20 -22.79 3.65
C ALA A 18 -23.99 -23.16 2.41
N THR A 19 -24.94 -22.32 2.04
CA THR A 19 -25.79 -22.55 0.88
C THR A 19 -25.46 -21.48 -0.16
N LEU A 20 -25.09 -21.93 -1.36
CA LEU A 20 -24.68 -21.05 -2.44
C LEU A 20 -25.72 -21.13 -3.54
N ARG A 21 -26.62 -20.16 -3.55
CA ARG A 21 -27.73 -20.13 -4.50
C ARG A 21 -27.41 -19.13 -5.60
N CYS A 22 -27.58 -19.57 -6.84
CA CYS A 22 -27.36 -18.68 -7.98
C CYS A 22 -28.68 -18.49 -8.70
N THR A 23 -29.23 -17.28 -8.61
CA THR A 23 -30.43 -16.92 -9.34
C THR A 23 -30.06 -16.71 -10.80
N ILE A 24 -30.88 -17.25 -11.68
CA ILE A 24 -30.60 -17.17 -13.12
C ILE A 24 -31.80 -16.52 -13.77
N ASP A 25 -31.67 -15.22 -14.07
CA ASP A 25 -32.65 -14.40 -14.77
C ASP A 25 -32.47 -14.41 -16.28
N ASP A 26 -31.77 -15.40 -16.83
CA ASP A 26 -31.48 -15.42 -18.25
C ASP A 26 -31.66 -16.83 -18.81
N ARG A 27 -31.92 -16.90 -20.12
CA ARG A 27 -31.83 -18.17 -20.84
C ARG A 27 -30.37 -18.61 -20.85
N VAL A 28 -30.02 -19.47 -19.89
CA VAL A 28 -28.66 -19.94 -19.70
C VAL A 28 -28.50 -21.30 -20.36
N THR A 29 -27.41 -21.48 -21.10
CA THR A 29 -27.11 -22.80 -21.67
C THR A 29 -26.20 -23.61 -20.77
N ARG A 30 -25.24 -22.97 -20.07
CA ARG A 30 -24.36 -23.71 -19.18
C ARG A 30 -24.21 -22.99 -17.86
N VAL A 31 -23.96 -23.75 -16.80
CA VAL A 31 -23.92 -23.23 -15.44
C VAL A 31 -22.91 -24.03 -14.63
N ALA A 32 -22.24 -23.36 -13.70
CA ALA A 32 -21.22 -23.99 -12.86
C ALA A 32 -21.03 -23.17 -11.59
N TRP A 33 -20.71 -23.85 -10.51
CA TRP A 33 -20.22 -23.24 -9.27
C TRP A 33 -18.73 -23.51 -9.18
N LEU A 34 -17.96 -22.43 -9.05
CA LEU A 34 -16.52 -22.42 -8.94
C LEU A 34 -16.13 -22.02 -7.53
N ASN A 35 -15.10 -22.68 -7.01
CA ASN A 35 -14.45 -22.31 -5.76
C ASN A 35 -13.13 -21.65 -6.17
N ARG A 36 -13.12 -20.31 -6.22
CA ARG A 36 -12.00 -19.55 -6.76
C ARG A 36 -11.87 -19.87 -8.25
N SER A 37 -10.79 -20.55 -8.65
CA SER A 37 -10.65 -21.01 -10.03
C SER A 37 -10.83 -22.52 -10.17
N THR A 38 -11.33 -23.17 -9.12
CA THR A 38 -11.62 -24.60 -9.13
C THR A 38 -13.10 -24.80 -9.43
N ILE A 39 -13.40 -25.70 -10.37
CA ILE A 39 -14.79 -26.02 -10.71
C ILE A 39 -15.31 -26.98 -9.66
N LEU A 40 -16.41 -26.61 -9.00
CA LEU A 40 -17.03 -27.52 -8.03
C LEU A 40 -18.10 -28.37 -8.67
N TYR A 41 -19.08 -27.73 -9.30
CA TYR A 41 -20.20 -28.43 -9.89
C TYR A 41 -20.46 -27.78 -11.23
N ALA A 42 -20.59 -28.58 -12.29
CA ALA A 42 -20.90 -28.05 -13.62
C ALA A 42 -22.17 -28.73 -14.12
N GLY A 43 -23.28 -28.02 -14.06
CA GLY A 43 -24.54 -28.66 -14.34
C GLY A 43 -24.76 -29.75 -13.32
N ASN A 44 -25.05 -30.96 -13.78
CA ASN A 44 -25.22 -32.09 -12.88
C ASN A 44 -23.94 -32.88 -12.70
N ASP A 45 -22.81 -32.37 -13.20
CA ASP A 45 -21.54 -33.07 -13.19
C ASP A 45 -20.71 -32.58 -12.01
N LYS A 46 -20.64 -33.37 -10.94
CA LYS A 46 -19.88 -32.99 -9.76
C LYS A 46 -18.39 -33.17 -10.05
N TRP A 47 -17.66 -32.07 -10.11
CA TRP A 47 -16.20 -32.12 -10.22
C TRP A 47 -15.53 -32.41 -8.88
N SER A 48 -15.97 -31.72 -7.82
CA SER A 48 -15.38 -31.92 -6.50
C SER A 48 -15.52 -33.37 -6.06
N ILE A 49 -14.56 -33.83 -5.27
CA ILE A 49 -14.65 -35.16 -4.64
C ILE A 49 -14.96 -35.05 -3.16
N ASP A 50 -15.26 -33.83 -2.68
CA ASP A 50 -15.53 -33.59 -1.27
C ASP A 50 -16.99 -33.91 -0.97
N PRO A 51 -17.28 -34.92 -0.14
CA PRO A 51 -18.69 -35.25 0.14
C PRO A 51 -19.46 -34.14 0.83
N ARG A 52 -18.77 -33.10 1.31
CA ARG A 52 -19.46 -31.97 1.90
C ARG A 52 -20.19 -31.15 0.84
N VAL A 53 -19.70 -31.12 -0.39
CA VAL A 53 -20.32 -30.31 -1.44
C VAL A 53 -21.41 -31.14 -2.09
N ILE A 54 -22.65 -30.71 -1.93
CA ILE A 54 -23.79 -31.39 -2.54
C ILE A 54 -24.62 -30.37 -3.31
N ILE A 55 -25.30 -30.85 -4.34
CA ILE A 55 -26.15 -30.01 -5.17
C ILE A 55 -27.54 -29.98 -4.55
N LEU A 56 -28.18 -28.82 -4.61
CA LEU A 56 -29.48 -28.60 -3.99
C LEU A 56 -30.56 -28.26 -5.01
N VAL A 57 -30.28 -27.37 -5.95
CA VAL A 57 -31.27 -26.93 -6.92
C VAL A 57 -30.62 -26.85 -8.28
N ASN A 58 -31.26 -27.41 -9.30
CA ASN A 58 -30.78 -27.29 -10.69
C ASN A 58 -32.00 -27.17 -11.59
N THR A 59 -32.55 -25.97 -11.63
CA THR A 59 -33.68 -25.58 -12.46
C THR A 59 -33.24 -24.44 -13.38
N PRO A 60 -33.99 -24.17 -14.47
CA PRO A 60 -33.60 -23.06 -15.34
C PRO A 60 -33.57 -21.70 -14.64
N THR A 61 -34.13 -21.59 -13.44
CA THR A 61 -34.11 -20.32 -12.72
C THR A 61 -33.11 -20.30 -11.58
N GLN A 62 -32.51 -21.44 -11.24
CA GLN A 62 -31.70 -21.47 -10.02
C GLN A 62 -30.71 -22.64 -10.07
N TYR A 63 -29.47 -22.36 -9.66
CA TYR A 63 -28.42 -23.37 -9.56
C TYR A 63 -27.71 -23.18 -8.23
N SER A 64 -27.95 -24.10 -7.30
CA SER A 64 -27.58 -23.90 -5.90
C SER A 64 -26.96 -25.16 -5.35
N ILE A 65 -25.81 -25.00 -4.69
CA ILE A 65 -25.10 -26.10 -4.02
C ILE A 65 -24.98 -25.78 -2.54
N MET A 66 -24.41 -26.71 -1.77
CA MET A 66 -24.23 -26.51 -0.35
C MET A 66 -22.93 -27.15 0.08
N ILE A 67 -22.14 -26.40 0.85
CA ILE A 67 -20.95 -26.92 1.50
C ILE A 67 -21.36 -27.19 2.94
N GLN A 68 -21.64 -28.43 3.27
CA GLN A 68 -22.04 -28.72 4.63
C GLN A 68 -20.80 -28.92 5.49
N ASN A 69 -20.92 -28.57 6.77
CA ASN A 69 -19.81 -28.59 7.74
C ASN A 69 -18.64 -27.73 7.23
N VAL A 70 -18.91 -26.43 7.19
CA VAL A 70 -17.98 -25.48 6.60
C VAL A 70 -16.73 -25.36 7.48
N ASP A 71 -15.58 -25.23 6.81
CA ASP A 71 -14.28 -25.07 7.44
C ASP A 71 -13.76 -23.66 7.15
N VAL A 72 -12.81 -23.20 7.95
CA VAL A 72 -12.20 -21.90 7.67
C VAL A 72 -11.55 -21.91 6.28
N TYR A 73 -10.93 -23.03 5.91
CA TYR A 73 -10.29 -23.14 4.61
C TYR A 73 -11.26 -22.95 3.44
N ASP A 74 -12.57 -22.98 3.70
CA ASP A 74 -13.55 -22.73 2.65
C ASP A 74 -13.73 -21.25 2.37
N GLU A 75 -13.31 -20.37 3.28
CA GLU A 75 -13.52 -18.94 3.12
C GLU A 75 -12.84 -18.46 1.84
N GLY A 76 -13.58 -17.71 1.03
CA GLY A 76 -13.04 -17.23 -0.23
C GLY A 76 -14.10 -16.89 -1.25
N PRO A 77 -13.67 -16.57 -2.48
CA PRO A 77 -14.64 -16.25 -3.54
C PRO A 77 -15.16 -17.47 -4.29
N TYR A 78 -16.47 -17.63 -4.32
CA TYR A 78 -17.16 -18.66 -5.08
C TYR A 78 -17.97 -17.98 -6.19
N THR A 79 -17.82 -18.46 -7.41
CA THR A 79 -18.43 -17.79 -8.55
C THR A 79 -19.44 -18.71 -9.21
N CYS A 80 -20.59 -18.15 -9.54
CA CYS A 80 -21.56 -18.84 -10.37
C CYS A 80 -21.28 -18.40 -11.81
N SER A 81 -20.55 -19.22 -12.55
CA SER A 81 -20.19 -18.92 -13.92
C SER A 81 -21.17 -19.60 -14.86
N VAL A 82 -21.63 -18.89 -15.90
CA VAL A 82 -22.59 -19.44 -16.85
C VAL A 82 -22.22 -19.05 -18.27
N GLN A 83 -22.90 -19.69 -19.21
CA GLN A 83 -22.80 -19.37 -20.63
C GLN A 83 -24.22 -19.16 -21.13
N THR A 84 -24.47 -17.97 -21.70
CA THR A 84 -25.71 -17.61 -22.35
C THR A 84 -25.55 -17.70 -23.87
N ASP A 85 -26.65 -17.47 -24.59
CA ASP A 85 -26.62 -17.49 -26.04
C ASP A 85 -25.79 -16.34 -26.63
N ASN A 86 -25.46 -15.33 -25.82
CA ASN A 86 -24.81 -14.12 -26.33
C ASN A 86 -23.42 -13.94 -25.75
N HIS A 87 -23.28 -13.88 -24.43
CA HIS A 87 -22.00 -13.69 -23.77
C HIS A 87 -21.95 -14.58 -22.53
N PRO A 88 -20.75 -14.91 -22.06
CA PRO A 88 -20.65 -15.55 -20.74
C PRO A 88 -20.89 -14.52 -19.66
N LYS A 89 -21.46 -14.97 -18.54
CA LYS A 89 -21.71 -14.11 -17.40
C LYS A 89 -21.25 -14.81 -16.13
N THR A 90 -20.91 -14.00 -15.13
CA THR A 90 -20.45 -14.50 -13.84
C THR A 90 -21.08 -13.68 -12.73
N SER A 91 -20.98 -14.22 -11.51
CA SER A 91 -21.50 -13.53 -10.33
C SER A 91 -20.78 -14.09 -9.12
N ARG A 92 -19.88 -13.30 -8.54
CA ARG A 92 -19.11 -13.72 -7.36
C ARG A 92 -19.94 -13.55 -6.10
N VAL A 93 -19.77 -14.50 -5.19
CA VAL A 93 -20.20 -14.38 -3.80
C VAL A 93 -18.99 -14.69 -2.95
N HIS A 94 -18.93 -14.09 -1.77
CA HIS A 94 -17.81 -14.26 -0.86
C HIS A 94 -18.26 -15.08 0.35
N LEU A 95 -17.66 -16.25 0.53
CA LEU A 95 -17.89 -17.06 1.72
C LEU A 95 -16.99 -16.56 2.86
N ILE A 96 -17.61 -16.12 3.95
CA ILE A 96 -16.92 -15.64 5.14
C ILE A 96 -17.21 -16.61 6.27
N VAL A 97 -16.17 -17.22 6.82
CA VAL A 97 -16.31 -18.19 7.90
C VAL A 97 -16.04 -17.49 9.22
N GLN A 98 -16.96 -17.68 10.17
CA GLN A 98 -16.85 -17.08 11.50
C GLN A 98 -16.59 -18.17 12.54
N VAL A 99 -15.66 -17.88 13.44
CA VAL A 99 -15.24 -18.82 14.48
C VAL A 99 -15.43 -18.13 15.83
N PRO A 100 -16.10 -18.77 16.79
CA PRO A 100 -16.17 -18.22 18.14
C PRO A 100 -14.78 -17.94 18.69
N PRO A 101 -14.65 -16.97 19.59
CA PRO A 101 -13.33 -16.65 20.13
C PRO A 101 -12.89 -17.70 21.13
N GLN A 102 -11.58 -17.84 21.27
CA GLN A 102 -11.02 -18.79 22.22
C GLN A 102 -9.69 -18.29 22.78
N ILE A 103 -9.57 -18.31 24.11
CA ILE A 103 -8.30 -18.03 24.76
C ILE A 103 -7.37 -19.22 24.54
N MET A 104 -6.21 -18.97 23.94
CA MET A 104 -5.21 -20.01 23.78
C MET A 104 -4.38 -20.13 25.06
N ASN A 105 -3.28 -19.37 25.16
CA ASN A 105 -2.48 -19.30 26.37
C ASN A 105 -2.90 -18.12 27.25
N ILE A 106 -2.83 -18.31 28.57
CA ILE A 106 -3.11 -17.28 29.55
C ILE A 106 -2.04 -17.32 30.63
N SER A 107 -1.76 -16.15 31.23
CA SER A 107 -0.81 -16.10 32.35
C SER A 107 -1.26 -17.02 33.48
N SER A 108 -0.28 -17.69 34.08
CA SER A 108 -0.56 -18.57 35.20
C SER A 108 -0.48 -17.81 36.52
N ASP A 109 -1.14 -18.37 37.54
CA ASP A 109 -1.22 -17.76 38.85
C ASP A 109 0.17 -17.39 39.36
N ILE A 110 0.26 -16.28 40.10
CA ILE A 110 1.53 -15.83 40.67
C ILE A 110 1.32 -15.35 42.10
N THR A 111 2.38 -15.47 42.88
CA THR A 111 2.57 -14.68 44.09
C THR A 111 3.70 -13.71 43.79
N VAL A 112 3.52 -12.44 44.18
CA VAL A 112 4.56 -11.43 44.02
C VAL A 112 4.55 -10.51 45.23
N ASN A 113 5.71 -9.95 45.55
CA ASN A 113 5.80 -9.04 46.69
C ASN A 113 5.16 -7.69 46.36
N GLU A 114 4.65 -7.03 47.39
CA GLU A 114 4.06 -5.70 47.24
C GLU A 114 5.08 -4.76 46.63
N GLY A 115 4.62 -3.91 45.72
CA GLY A 115 5.46 -2.91 45.10
C GLY A 115 6.15 -3.32 43.82
N SER A 116 6.23 -4.61 43.52
CA SER A 116 6.85 -5.05 42.29
C SER A 116 5.85 -4.97 41.13
N SER A 117 6.29 -5.35 39.95
CA SER A 117 5.47 -5.26 38.74
C SER A 117 4.88 -6.62 38.37
N VAL A 118 3.74 -6.57 37.70
CA VAL A 118 3.07 -7.77 37.22
C VAL A 118 2.63 -7.54 35.79
N THR A 119 2.87 -8.52 34.92
CA THR A 119 2.38 -8.49 33.55
C THR A 119 1.54 -9.73 33.32
N LEU A 120 0.26 -9.53 33.02
CA LEU A 120 -0.64 -10.58 32.60
C LEU A 120 -0.84 -10.49 31.10
N LEU A 121 -0.93 -11.63 30.43
CA LEU A 121 -1.06 -11.67 28.97
C LEU A 121 -2.19 -12.63 28.60
N CYS A 122 -3.09 -12.16 27.74
CA CYS A 122 -4.22 -12.95 27.27
C CYS A 122 -4.26 -12.93 25.75
N LEU A 123 -3.82 -14.00 25.12
CA LEU A 123 -3.82 -14.12 23.67
C LEU A 123 -4.97 -15.04 23.23
N ALA A 124 -5.77 -14.55 22.28
CA ALA A 124 -6.95 -15.26 21.81
C ALA A 124 -7.04 -15.17 20.30
N ILE A 125 -7.88 -16.04 19.72
CA ILE A 125 -8.11 -16.08 18.28
C ILE A 125 -9.61 -16.10 18.05
N GLY A 126 -9.99 -15.98 16.78
CA GLY A 126 -11.38 -15.95 16.40
C GLY A 126 -11.55 -15.25 15.06
N ARG A 127 -12.73 -15.41 14.50
CA ARG A 127 -13.05 -14.86 13.18
C ARG A 127 -14.37 -14.12 13.26
N PRO A 128 -14.38 -12.78 13.14
CA PRO A 128 -13.17 -11.99 12.95
C PRO A 128 -12.38 -11.86 14.25
N GLU A 129 -11.18 -11.28 14.16
CA GLU A 129 -10.24 -11.31 15.27
C GLU A 129 -10.85 -10.65 16.51
N PRO A 130 -10.77 -11.28 17.67
CA PRO A 130 -11.51 -10.79 18.84
C PRO A 130 -10.81 -9.65 19.56
N THR A 131 -11.63 -8.89 20.29
CA THR A 131 -11.11 -7.92 21.24
C THR A 131 -11.18 -8.52 22.64
N VAL A 132 -10.37 -7.98 23.54
CA VAL A 132 -10.13 -8.61 24.83
C VAL A 132 -10.20 -7.56 25.93
N THR A 133 -10.82 -7.91 27.06
CA THR A 133 -10.91 -7.03 28.22
C THR A 133 -10.54 -7.79 29.48
N TRP A 134 -9.73 -7.15 30.32
CA TRP A 134 -9.41 -7.64 31.65
C TRP A 134 -10.30 -6.95 32.68
N ARG A 135 -10.75 -7.70 33.68
CA ARG A 135 -11.60 -7.17 34.73
C ARG A 135 -11.16 -7.76 36.07
N HIS A 136 -10.77 -6.89 37.00
CA HIS A 136 -10.46 -7.32 38.37
C HIS A 136 -11.75 -7.71 39.09
N LEU A 137 -11.76 -8.89 39.70
CA LEU A 137 -12.99 -9.41 40.31
C LEU A 137 -13.16 -8.97 41.76
N SER A 138 -12.28 -8.11 42.28
CA SER A 138 -12.41 -7.58 43.63
C SER A 138 -12.50 -6.05 43.66
N GLY A 144 -14.87 -3.20 37.15
CA GLY A 144 -13.46 -2.89 37.34
C GLY A 144 -12.60 -3.24 36.14
N PHE A 145 -12.92 -2.65 34.99
CA PHE A 145 -12.20 -2.91 33.75
C PHE A 145 -10.83 -2.25 33.80
N VAL A 146 -9.80 -3.05 34.07
CA VAL A 146 -8.45 -2.51 34.23
C VAL A 146 -7.80 -2.25 32.88
N SER A 147 -8.00 -3.13 31.91
CA SER A 147 -7.41 -2.95 30.59
C SER A 147 -8.32 -3.57 29.55
N GLU A 148 -8.05 -3.22 28.30
CA GLU A 148 -8.73 -3.77 27.14
C GLU A 148 -7.71 -4.14 26.08
N ASP A 149 -6.63 -4.78 26.51
CA ASP A 149 -5.54 -5.20 25.63
C ASP A 149 -5.08 -6.59 26.06
N GLU A 150 -4.47 -7.31 25.12
CA GLU A 150 -3.86 -8.60 25.44
C GLU A 150 -2.99 -8.51 26.68
N TYR A 151 -2.16 -7.46 26.78
CA TYR A 151 -1.31 -7.22 27.93
C TYR A 151 -2.04 -6.35 28.94
N LEU A 152 -2.08 -6.81 30.18
CA LEU A 152 -2.44 -5.99 31.33
C LEU A 152 -1.17 -5.81 32.15
N GLU A 153 -0.73 -4.57 32.31
CA GLU A 153 0.48 -4.27 33.05
C GLU A 153 0.12 -3.51 34.31
N ILE A 154 0.56 -4.02 35.46
CA ILE A 154 0.35 -3.41 36.76
C ILE A 154 1.69 -3.05 37.36
N SER A 155 1.84 -1.79 37.76
CA SER A 155 3.05 -1.27 38.40
C SER A 155 2.70 -0.87 39.82
N ASP A 156 3.65 -1.06 40.73
CA ASP A 156 3.45 -0.83 42.16
C ASP A 156 2.17 -1.53 42.64
N ILE A 157 2.25 -2.86 42.67
CA ILE A 157 1.06 -3.63 43.01
C ILE A 157 0.81 -3.49 44.52
N LYS A 158 -0.39 -3.03 44.86
CA LYS A 158 -0.78 -2.88 46.25
C LYS A 158 -1.52 -4.13 46.70
N ARG A 159 -1.66 -4.29 48.01
CA ARG A 159 -2.32 -5.49 48.53
C ARG A 159 -3.76 -5.59 48.09
N ASP A 160 -4.45 -4.46 47.90
CA ASP A 160 -5.84 -4.51 47.45
C ASP A 160 -5.97 -4.85 45.97
N GLN A 161 -4.85 -4.96 45.25
CA GLN A 161 -4.87 -5.40 43.87
C GLN A 161 -4.70 -6.91 43.72
N SER A 162 -4.64 -7.65 44.83
CA SER A 162 -4.63 -9.10 44.72
C SER A 162 -6.00 -9.60 44.29
N GLY A 163 -6.08 -10.90 44.05
CA GLY A 163 -7.30 -11.54 43.62
C GLY A 163 -7.24 -12.00 42.18
N GLU A 164 -8.42 -12.22 41.61
CA GLU A 164 -8.58 -12.82 40.31
C GLU A 164 -8.86 -11.77 39.25
N TYR A 165 -8.08 -11.80 38.17
CA TYR A 165 -8.29 -10.96 37.00
C TYR A 165 -8.85 -11.83 35.89
N GLU A 166 -9.89 -11.34 35.24
CA GLU A 166 -10.67 -12.11 34.29
C GLU A 166 -10.47 -11.56 32.89
N CYS A 167 -9.98 -12.41 32.00
CA CYS A 167 -9.86 -12.08 30.59
C CYS A 167 -11.10 -12.55 29.85
N SER A 168 -11.68 -11.66 29.05
CA SER A 168 -12.88 -11.94 28.25
C SER A 168 -12.61 -11.53 26.81
N ALA A 169 -12.64 -12.51 25.90
CA ALA A 169 -12.40 -12.29 24.48
C ALA A 169 -13.71 -12.47 23.72
N LEU A 170 -14.11 -11.45 22.97
CA LEU A 170 -15.36 -11.50 22.22
C LEU A 170 -15.14 -10.96 20.81
N ASN A 171 -15.93 -11.51 19.87
CA ASN A 171 -16.03 -11.01 18.51
C ASN A 171 -17.48 -10.94 18.05
N ASP A 172 -18.42 -11.02 18.99
CA ASP A 172 -19.86 -10.96 18.74
C ASP A 172 -20.37 -12.15 17.92
N VAL A 173 -19.71 -13.31 18.03
CA VAL A 173 -20.21 -14.57 17.49
C VAL A 173 -20.13 -15.61 18.59
N ALA A 174 -21.26 -16.26 18.89
CA ALA A 174 -21.42 -17.17 20.02
C ALA A 174 -21.02 -16.48 21.32
N ALA A 175 -20.71 -17.26 22.35
CA ALA A 175 -20.32 -16.68 23.63
C ALA A 175 -18.90 -16.13 23.58
N PRO A 176 -18.62 -15.09 24.36
CA PRO A 176 -17.21 -14.72 24.58
C PRO A 176 -16.54 -15.76 25.47
N ASP A 177 -15.24 -15.93 25.28
CA ASP A 177 -14.47 -16.87 26.07
C ASP A 177 -13.82 -16.16 27.25
N VAL A 178 -13.98 -16.72 28.45
CA VAL A 178 -13.43 -16.12 29.66
C VAL A 178 -12.46 -17.11 30.32
N ARG A 179 -11.43 -16.55 30.94
CA ARG A 179 -10.55 -17.36 31.77
C ARG A 179 -9.89 -16.41 32.76
N LYS A 180 -9.45 -16.94 33.90
CA LYS A 180 -9.00 -16.11 35.00
C LYS A 180 -7.59 -16.47 35.43
N VAL A 181 -6.93 -15.50 36.06
CA VAL A 181 -5.59 -15.66 36.63
C VAL A 181 -5.58 -15.00 38.00
N LYS A 182 -4.84 -15.58 38.94
CA LYS A 182 -4.83 -15.15 40.34
C LYS A 182 -3.50 -14.52 40.69
N ILE A 183 -3.52 -13.22 41.02
CA ILE A 183 -2.38 -12.54 41.61
C ILE A 183 -2.54 -12.55 43.12
N THR A 184 -1.58 -13.10 43.83
CA THR A 184 -1.55 -12.98 45.29
C THR A 184 -0.35 -12.12 45.66
N VAL A 185 -0.61 -11.02 46.37
CA VAL A 185 0.40 -10.05 46.74
C VAL A 185 0.85 -10.32 48.16
N ASN A 186 2.16 -10.45 48.34
CA ASN A 186 2.75 -10.55 49.67
C ASN A 186 2.91 -9.16 50.28
N TYR A 187 2.59 -9.05 51.57
CA TYR A 187 2.77 -7.80 52.29
C TYR A 187 3.05 -8.10 53.75
N PRO A 188 3.81 -7.23 54.43
CA PRO A 188 4.13 -7.49 55.83
C PRO A 188 2.89 -7.38 56.71
N PRO A 189 2.87 -8.05 57.85
CA PRO A 189 1.66 -8.10 58.66
C PRO A 189 1.32 -6.78 59.33
N TYR A 190 0.04 -6.64 59.67
CA TYR A 190 -0.45 -5.60 60.56
C TYR A 190 -1.51 -6.22 61.45
N ILE A 191 -1.59 -5.76 62.69
CA ILE A 191 -2.55 -6.31 63.63
C ILE A 191 -3.94 -5.81 63.29
N SER A 192 -4.88 -6.74 63.14
CA SER A 192 -6.25 -6.37 62.77
C SER A 192 -7.28 -6.68 63.84
N LYS A 193 -6.92 -7.43 64.86
CA LYS A 193 -7.81 -7.60 66.01
C LYS A 193 -6.94 -7.73 67.25
N ALA A 194 -7.31 -7.03 68.31
CA ALA A 194 -6.57 -7.14 69.57
C ALA A 194 -7.35 -6.50 70.71
N LYS A 195 -8.41 -7.16 71.14
CA LYS A 195 -9.18 -6.70 72.29
C LYS A 195 -8.51 -7.15 73.58
N ASN A 196 -8.78 -6.41 74.65
CA ASN A 196 -8.45 -6.86 75.99
C ASN A 196 -9.54 -7.81 76.48
N THR A 197 -9.19 -8.63 77.47
CA THR A 197 -10.16 -9.55 78.08
C THR A 197 -10.03 -9.50 79.59
N GLY A 198 -11.17 -9.44 80.26
CA GLY A 198 -11.25 -9.50 81.72
C GLY A 198 -11.75 -10.86 82.16
N VAL A 199 -11.20 -11.34 83.27
CA VAL A 199 -11.49 -12.69 83.76
C VAL A 199 -11.44 -12.69 85.27
N SER A 200 -12.41 -13.35 85.90
CA SER A 200 -12.39 -13.53 87.35
C SER A 200 -11.30 -14.50 87.73
N VAL A 201 -10.60 -14.19 88.84
CA VAL A 201 -9.46 -14.99 89.27
C VAL A 201 -9.87 -16.45 89.44
N GLY A 202 -9.10 -17.35 88.85
CA GLY A 202 -9.38 -18.78 88.93
C GLY A 202 -10.16 -19.34 87.77
N GLN A 203 -10.23 -18.64 86.65
CA GLN A 203 -11.04 -19.03 85.51
C GLN A 203 -10.22 -18.89 84.23
N LYS A 204 -10.56 -19.70 83.22
CA LYS A 204 -9.83 -19.70 81.95
C LYS A 204 -9.98 -18.35 81.25
N GLY A 205 -8.86 -17.67 81.08
CA GLY A 205 -8.82 -16.36 80.45
C GLY A 205 -8.11 -16.46 79.10
N ILE A 206 -8.69 -15.83 78.09
CA ILE A 206 -8.23 -15.97 76.72
C ILE A 206 -7.87 -14.59 76.21
N LEU A 207 -6.58 -14.35 75.98
CA LEU A 207 -6.16 -13.22 75.15
C LEU A 207 -6.02 -13.70 73.72
N SER A 208 -6.19 -12.80 72.78
CA SER A 208 -6.06 -13.22 71.39
C SER A 208 -5.83 -12.02 70.51
N CYS A 209 -4.97 -12.21 69.52
CA CYS A 209 -4.69 -11.26 68.47
C CYS A 209 -5.01 -11.86 67.12
N GLU A 210 -5.08 -10.99 66.13
CA GLU A 210 -5.30 -11.42 64.76
C GLU A 210 -4.54 -10.46 63.86
N ALA A 211 -3.64 -11.01 63.06
CA ALA A 211 -2.88 -10.24 62.09
C ALA A 211 -3.44 -10.46 60.70
N SER A 212 -3.13 -9.53 59.81
CA SER A 212 -3.54 -9.61 58.43
C SER A 212 -2.27 -9.57 57.59
N ALA A 213 -1.94 -10.68 56.94
CA ALA A 213 -0.65 -10.81 56.28
C ALA A 213 -0.75 -11.86 55.19
N VAL A 214 0.09 -11.70 54.17
CA VAL A 214 0.25 -12.70 53.11
C VAL A 214 1.74 -12.88 52.84
N PRO A 215 2.33 -14.06 53.10
CA PRO A 215 1.74 -15.25 53.71
C PRO A 215 1.33 -15.06 55.16
N MET A 216 0.52 -15.98 55.69
CA MET A 216 0.01 -15.82 57.05
C MET A 216 1.16 -15.55 58.01
N ALA A 217 0.86 -14.75 59.03
CA ALA A 217 1.83 -14.42 60.04
C ALA A 217 1.86 -15.50 61.11
N GLU A 218 3.05 -15.77 61.62
CA GLU A 218 3.18 -16.52 62.86
C GLU A 218 3.22 -15.54 64.03
N PHE A 219 2.67 -15.99 65.16
CA PHE A 219 2.55 -15.13 66.32
C PHE A 219 3.52 -15.60 67.41
N GLN A 220 3.95 -14.66 68.23
CA GLN A 220 4.71 -14.93 69.44
C GLN A 220 4.21 -13.98 70.51
N TRP A 221 4.16 -14.46 71.74
CA TRP A 221 3.59 -13.71 72.86
C TRP A 221 4.68 -13.31 73.84
N PHE A 222 4.67 -12.05 74.26
CA PHE A 222 5.71 -11.51 75.13
C PHE A 222 5.10 -10.86 76.36
N LYS A 223 5.89 -10.85 77.43
CA LYS A 223 5.62 -10.06 78.62
C LYS A 223 6.94 -9.43 79.04
N GLU A 224 6.96 -8.10 79.15
CA GLU A 224 8.19 -7.35 79.47
C GLU A 224 9.32 -7.70 78.50
N GLU A 225 8.98 -7.82 77.22
CA GLU A 225 9.97 -8.09 76.18
C GLU A 225 10.73 -9.39 76.46
N THR A 226 10.00 -10.39 76.99
CA THR A 226 10.52 -11.74 77.17
C THR A 226 9.48 -12.71 76.65
N ARG A 227 9.94 -13.70 75.88
CA ARG A 227 9.01 -14.61 75.23
C ARG A 227 8.37 -15.56 76.24
N LEU A 228 7.13 -15.92 75.96
CA LEU A 228 6.40 -16.95 76.69
C LEU A 228 6.39 -18.21 75.83
N ALA A 229 6.68 -19.36 76.45
CA ALA A 229 6.67 -20.62 75.74
C ALA A 229 5.35 -21.35 75.94
N THR A 230 5.00 -22.18 74.96
CA THR A 230 3.75 -22.93 75.00
C THR A 230 3.79 -24.01 76.07
N GLY A 231 4.90 -24.76 76.15
CA GLY A 231 5.01 -25.87 77.08
C GLY A 231 4.87 -25.48 78.54
N LEU A 232 5.00 -24.19 78.86
CA LEU A 232 4.90 -23.73 80.24
C LEU A 232 3.54 -24.10 80.82
N ASP A 233 3.52 -24.37 82.13
CA ASP A 233 2.30 -24.76 82.79
C ASP A 233 1.37 -23.56 82.92
N GLY A 234 0.07 -23.82 82.79
CA GLY A 234 -0.93 -22.80 82.98
C GLY A 234 -1.27 -21.97 81.77
N MET A 235 -0.49 -22.07 80.68
CA MET A 235 -0.79 -21.29 79.48
C MET A 235 -0.70 -22.17 78.25
N ARG A 236 -1.65 -21.97 77.33
CA ARG A 236 -1.74 -22.70 76.07
C ARG A 236 -1.86 -21.70 74.93
N ILE A 237 -0.93 -21.74 73.99
CA ILE A 237 -0.95 -20.88 72.81
C ILE A 237 -1.49 -21.69 71.64
N GLU A 238 -2.55 -21.18 71.00
CA GLU A 238 -3.20 -21.90 69.91
C GLU A 238 -3.32 -20.97 68.71
N ASN A 239 -2.86 -21.42 67.55
CA ASN A 239 -2.82 -20.62 66.34
C ASN A 239 -3.71 -21.21 65.25
N LYS A 240 -4.72 -20.43 64.85
CA LYS A 240 -5.41 -20.67 63.59
C LYS A 240 -4.65 -19.97 62.48
N GLY A 241 -5.34 -19.54 61.43
CA GLY A 241 -4.68 -18.89 60.32
C GLY A 241 -4.18 -17.52 60.73
N ARG A 242 -5.05 -16.52 60.64
CA ARG A 242 -4.71 -15.18 61.09
C ARG A 242 -4.59 -15.11 62.60
N MET A 243 -5.38 -15.87 63.34
CA MET A 243 -5.61 -15.67 64.76
C MET A 243 -4.60 -16.43 65.60
N SER A 244 -4.33 -15.90 66.80
CA SER A 244 -3.53 -16.57 67.81
C SER A 244 -4.08 -16.23 69.19
N THR A 245 -4.06 -17.21 70.08
CA THR A 245 -4.65 -17.08 71.41
C THR A 245 -3.64 -17.51 72.47
N LEU A 246 -3.51 -16.68 73.51
CA LEU A 246 -2.75 -16.97 74.72
C LEU A 246 -3.74 -17.29 75.82
N THR A 247 -3.72 -18.54 76.29
CA THR A 247 -4.70 -19.04 77.25
C THR A 247 -4.07 -19.20 78.62
N PHE A 248 -4.76 -18.70 79.65
CA PHE A 248 -4.42 -18.93 81.06
C PHE A 248 -5.49 -19.81 81.69
N PHE A 249 -5.06 -20.87 82.37
CA PHE A 249 -6.00 -21.76 83.06
C PHE A 249 -6.20 -21.42 84.53
N ASN A 250 -5.19 -20.89 85.21
CA ASN A 250 -5.32 -20.46 86.60
C ASN A 250 -4.69 -19.07 86.72
N VAL A 251 -5.53 -18.04 86.85
CA VAL A 251 -5.05 -16.67 86.88
C VAL A 251 -4.64 -16.29 88.29
N SER A 252 -3.57 -15.51 88.41
CA SER A 252 -3.09 -14.96 89.66
C SER A 252 -2.80 -13.49 89.48
N GLU A 253 -2.53 -12.80 90.60
CA GLU A 253 -2.26 -11.36 90.53
C GLU A 253 -0.97 -11.08 89.76
N LYS A 254 -0.02 -12.03 89.78
CA LYS A 254 1.20 -11.87 88.98
C LYS A 254 0.88 -11.88 87.48
N ASP A 255 -0.16 -12.59 87.06
CA ASP A 255 -0.46 -12.72 85.63
C ASP A 255 -1.15 -11.49 85.04
N TYR A 256 -1.86 -10.70 85.85
CA TYR A 256 -2.49 -9.50 85.33
C TYR A 256 -1.43 -8.53 84.83
N GLY A 257 -1.70 -7.89 83.70
CA GLY A 257 -0.78 -6.94 83.12
C GLY A 257 -0.91 -6.92 81.62
N ASN A 258 0.16 -6.43 80.98
CA ASN A 258 0.21 -6.23 79.54
C ASN A 258 0.97 -7.34 78.83
N TYR A 259 0.41 -7.79 77.71
CA TYR A 259 1.02 -8.81 76.86
C TYR A 259 1.13 -8.29 75.43
N THR A 260 2.21 -8.67 74.76
CA THR A 260 2.49 -8.22 73.41
C THR A 260 2.32 -9.36 72.41
N CYS A 261 1.59 -9.06 71.33
CA CYS A 261 1.38 -9.91 70.17
C CYS A 261 2.36 -9.52 69.09
N VAL A 262 3.25 -10.44 68.72
CA VAL A 262 4.24 -10.17 67.69
C VAL A 262 3.89 -11.06 66.51
N ALA A 263 3.42 -10.45 65.43
CA ALA A 263 3.12 -11.15 64.19
C ALA A 263 4.27 -10.94 63.22
N THR A 264 4.74 -12.04 62.63
CA THR A 264 5.91 -12.02 61.75
C THR A 264 5.61 -12.79 60.46
N ASN A 265 6.12 -12.28 59.34
CA ASN A 265 6.18 -13.08 58.12
C ASN A 265 7.43 -12.68 57.33
N LYS A 266 7.62 -13.37 56.20
CA LYS A 266 8.86 -13.34 55.43
C LYS A 266 9.32 -11.94 55.05
N LEU A 267 8.47 -10.92 55.22
CA LEU A 267 8.89 -9.58 54.82
C LEU A 267 8.45 -8.50 55.80
N GLY A 268 8.36 -8.82 57.09
CA GLY A 268 8.09 -7.78 58.06
C GLY A 268 7.47 -8.33 59.33
N ASN A 269 7.43 -7.47 60.35
CA ASN A 269 6.84 -7.81 61.63
C ASN A 269 6.05 -6.62 62.18
N THR A 270 5.18 -6.90 63.14
CA THR A 270 4.42 -5.89 63.85
C THR A 270 4.04 -6.45 65.21
N ASN A 271 3.56 -5.58 66.10
CA ASN A 271 3.07 -6.07 67.39
C ASN A 271 2.01 -5.13 67.92
N ALA A 272 1.21 -5.63 68.86
CA ALA A 272 0.29 -4.82 69.62
C ALA A 272 0.35 -5.28 71.07
N SER A 273 -0.20 -4.48 71.97
CA SER A 273 -0.26 -4.85 73.37
C SER A 273 -1.70 -4.82 73.85
N ILE A 274 -2.07 -5.82 74.65
CA ILE A 274 -3.41 -5.94 75.20
C ILE A 274 -3.27 -6.36 76.66
N THR A 275 -4.27 -6.00 77.46
CA THR A 275 -4.20 -6.15 78.90
C THR A 275 -5.12 -7.26 79.37
N LEU A 276 -4.57 -8.15 80.21
CA LEU A 276 -5.37 -9.04 81.04
C LEU A 276 -5.52 -8.34 82.38
N TYR A 277 -6.73 -7.89 82.69
CA TYR A 277 -6.94 -6.97 83.80
C TYR A 277 -7.88 -7.55 84.85
N GLY A 278 -7.75 -7.03 86.07
CA GLY A 278 -8.49 -7.48 87.23
C GLY A 278 -9.74 -6.66 87.52
N PRO A 279 -10.72 -7.29 88.15
CA PRO A 279 -11.98 -6.60 88.43
C PRO A 279 -11.79 -5.37 89.31
N GLY A 280 -12.81 -4.54 89.35
CA GLY A 280 -12.81 -3.34 90.15
C GLY A 280 -13.70 -2.30 89.51
N ALA A 281 -14.08 -1.30 90.30
CA ALA A 281 -14.90 -0.22 89.77
C ALA A 281 -14.08 0.63 88.79
N ALA A 282 -14.79 1.23 87.84
CA ALA A 282 -14.17 2.12 86.87
C ALA A 282 -15.23 3.13 86.44
N LEU A 283 -14.77 4.34 86.09
CA LEU A 283 -15.67 5.41 85.71
C LEU A 283 -15.27 5.92 84.33
N VAL A 284 -16.13 5.67 83.33
CA VAL A 284 -15.86 6.00 81.93
C VAL A 284 -14.64 5.23 81.43
N MET B 7 5.90 -20.50 -16.04
CA MET B 7 6.07 -19.06 -15.86
C MET B 7 4.72 -18.33 -15.76
N ASP B 8 4.77 -17.04 -15.39
CA ASP B 8 3.57 -16.27 -15.12
C ASP B 8 3.04 -15.53 -16.32
N ASN B 9 3.89 -15.19 -17.29
CA ASN B 9 3.52 -14.27 -18.36
C ASN B 9 3.49 -14.99 -19.71
N VAL B 10 2.37 -14.86 -20.42
CA VAL B 10 2.29 -15.22 -21.83
C VAL B 10 2.00 -13.92 -22.56
N THR B 11 2.95 -13.46 -23.37
CA THR B 11 2.88 -12.15 -23.99
C THR B 11 2.72 -12.30 -25.49
N VAL B 12 1.70 -11.64 -26.05
CA VAL B 12 1.36 -11.77 -27.45
C VAL B 12 1.08 -10.40 -28.04
N ARG B 13 1.57 -10.15 -29.25
CA ARG B 13 1.29 -8.90 -29.94
C ARG B 13 -0.14 -8.92 -30.48
N GLN B 14 -0.81 -7.78 -30.35
CA GLN B 14 -2.21 -7.66 -30.74
C GLN B 14 -2.40 -8.01 -32.22
N GLY B 15 -3.42 -8.85 -32.49
CA GLY B 15 -3.70 -9.32 -33.83
C GLY B 15 -3.06 -10.64 -34.19
N GLU B 16 -2.08 -11.10 -33.43
CA GLU B 16 -1.53 -12.43 -33.59
C GLU B 16 -2.28 -13.41 -32.68
N SER B 17 -1.84 -14.67 -32.67
CA SER B 17 -2.53 -15.72 -31.92
C SER B 17 -1.77 -16.07 -30.66
N ALA B 18 -2.48 -16.15 -29.54
CA ALA B 18 -1.92 -16.59 -28.27
C ALA B 18 -2.24 -18.05 -28.04
N THR B 19 -1.25 -18.82 -27.60
CA THR B 19 -1.42 -20.25 -27.35
C THR B 19 -1.30 -20.51 -25.86
N LEU B 20 -2.31 -21.17 -25.30
CA LEU B 20 -2.38 -21.45 -23.88
C LEU B 20 -2.25 -22.95 -23.69
N ARG B 21 -1.04 -23.40 -23.37
CA ARG B 21 -0.74 -24.82 -23.20
C ARG B 21 -0.70 -25.14 -21.73
N CYS B 22 -1.33 -26.24 -21.34
CA CYS B 22 -1.29 -26.67 -19.96
C CYS B 22 -0.61 -28.03 -19.89
N THR B 23 0.60 -28.06 -19.34
CA THR B 23 1.29 -29.32 -19.11
C THR B 23 0.63 -30.05 -17.94
N ILE B 24 0.39 -31.34 -18.09
CA ILE B 24 -0.31 -32.13 -17.09
C ILE B 24 0.60 -33.29 -16.68
N ASP B 25 1.20 -33.18 -15.49
CA ASP B 25 2.07 -34.24 -14.99
C ASP B 25 1.29 -35.29 -14.21
N ASP B 26 0.30 -34.87 -13.44
CA ASP B 26 -0.47 -35.80 -12.63
C ASP B 26 -1.58 -36.45 -13.46
N ARG B 27 -1.95 -37.67 -13.06
CA ARG B 27 -3.13 -38.30 -13.62
C ARG B 27 -4.34 -37.41 -13.32
N VAL B 28 -4.95 -36.88 -14.37
CA VAL B 28 -6.00 -35.89 -14.26
C VAL B 28 -7.32 -36.53 -14.69
N THR B 29 -8.38 -36.24 -13.94
CA THR B 29 -9.70 -36.73 -14.28
C THR B 29 -10.48 -35.75 -15.15
N ARG B 30 -10.37 -34.46 -14.84
CA ARG B 30 -11.07 -33.43 -15.61
C ARG B 30 -10.15 -32.24 -15.81
N VAL B 31 -10.38 -31.51 -16.90
CA VAL B 31 -9.48 -30.43 -17.27
C VAL B 31 -10.31 -29.34 -17.94
N ALA B 32 -9.91 -28.09 -17.72
CA ALA B 32 -10.64 -26.93 -18.23
C ALA B 32 -9.68 -25.75 -18.33
N TRP B 33 -9.93 -24.91 -19.34
CA TRP B 33 -9.29 -23.62 -19.50
C TRP B 33 -10.31 -22.52 -19.23
N LEU B 34 -9.96 -21.63 -18.30
CA LEU B 34 -10.77 -20.52 -17.82
C LEU B 34 -10.21 -19.18 -18.26
N ASN B 35 -11.10 -18.28 -18.67
CA ASN B 35 -10.77 -16.87 -18.88
C ASN B 35 -11.38 -16.14 -17.69
N ARG B 36 -10.53 -15.81 -16.71
CA ARG B 36 -10.96 -15.26 -15.42
C ARG B 36 -11.79 -16.32 -14.72
N SER B 37 -13.07 -16.08 -14.43
CA SER B 37 -13.93 -17.07 -13.81
C SER B 37 -14.96 -17.63 -14.79
N THR B 38 -14.80 -17.34 -16.08
CA THR B 38 -15.65 -17.92 -17.11
C THR B 38 -14.92 -19.14 -17.66
N ILE B 39 -15.63 -20.26 -17.78
CA ILE B 39 -15.06 -21.48 -18.33
C ILE B 39 -15.04 -21.34 -19.83
N LEU B 40 -13.87 -21.50 -20.44
CA LEU B 40 -13.75 -21.43 -21.90
C LEU B 40 -13.93 -22.81 -22.52
N TYR B 41 -13.13 -23.77 -22.07
CA TYR B 41 -13.13 -25.11 -22.64
C TYR B 41 -13.07 -26.08 -21.48
N ALA B 42 -13.93 -27.09 -21.48
CA ALA B 42 -13.89 -28.15 -20.46
C ALA B 42 -13.79 -29.47 -21.20
N GLY B 43 -12.61 -30.06 -21.21
CA GLY B 43 -12.43 -31.25 -22.00
C GLY B 43 -12.67 -30.90 -23.46
N ASN B 44 -13.55 -31.65 -24.11
CA ASN B 44 -13.89 -31.35 -25.50
C ASN B 44 -15.12 -30.48 -25.61
N ASP B 45 -15.66 -30.01 -24.50
CA ASP B 45 -16.91 -29.26 -24.47
C ASP B 45 -16.59 -27.77 -24.49
N LYS B 46 -16.73 -27.15 -25.64
CA LYS B 46 -16.45 -25.73 -25.78
C LYS B 46 -17.58 -24.93 -25.17
N TRP B 47 -17.30 -24.24 -24.06
CA TRP B 47 -18.30 -23.34 -23.48
C TRP B 47 -18.38 -22.03 -24.27
N SER B 48 -17.24 -21.42 -24.56
CA SER B 48 -17.22 -20.14 -25.26
C SER B 48 -17.89 -20.25 -26.62
N ILE B 49 -18.45 -19.14 -27.09
CA ILE B 49 -18.98 -19.06 -28.45
C ILE B 49 -18.07 -18.23 -29.34
N ASP B 50 -16.88 -17.89 -28.88
CA ASP B 50 -15.99 -17.04 -29.64
C ASP B 50 -15.21 -17.89 -30.64
N PRO B 51 -15.40 -17.71 -31.95
CA PRO B 51 -14.66 -18.54 -32.92
C PRO B 51 -13.16 -18.33 -32.87
N ARG B 52 -12.68 -17.30 -32.18
CA ARG B 52 -11.25 -17.10 -32.02
C ARG B 52 -10.64 -18.15 -31.10
N VAL B 53 -11.42 -18.66 -30.15
CA VAL B 53 -10.94 -19.62 -29.16
C VAL B 53 -11.10 -21.02 -29.75
N ILE B 54 -10.00 -21.70 -30.02
CA ILE B 54 -10.02 -23.05 -30.57
C ILE B 54 -9.16 -23.95 -29.71
N ILE B 55 -9.48 -25.25 -29.73
CA ILE B 55 -8.70 -26.24 -28.99
C ILE B 55 -7.61 -26.77 -29.89
N LEU B 56 -6.45 -27.04 -29.30
CA LEU B 56 -5.26 -27.46 -30.04
C LEU B 56 -4.77 -28.84 -29.63
N VAL B 57 -4.70 -29.12 -28.33
CA VAL B 57 -4.18 -30.39 -27.86
C VAL B 57 -5.06 -30.86 -26.72
N ASN B 58 -5.45 -32.14 -26.75
CA ASN B 58 -6.23 -32.71 -25.65
C ASN B 58 -5.75 -34.14 -25.44
N THR B 59 -4.61 -34.28 -24.79
CA THR B 59 -4.00 -35.53 -24.39
C THR B 59 -3.80 -35.54 -22.89
N PRO B 60 -3.63 -36.73 -22.27
CA PRO B 60 -3.41 -36.77 -20.82
C PRO B 60 -2.16 -36.03 -20.36
N THR B 61 -1.27 -35.63 -21.27
CA THR B 61 -0.08 -34.89 -20.89
C THR B 61 -0.21 -33.40 -21.20
N GLN B 62 -1.24 -32.99 -21.95
CA GLN B 62 -1.29 -31.61 -22.41
C GLN B 62 -2.73 -31.23 -22.71
N TYR B 63 -3.12 -30.04 -22.28
CA TYR B 63 -4.44 -29.50 -22.56
C TYR B 63 -4.26 -28.06 -23.00
N SER B 64 -4.43 -27.80 -24.31
CA SER B 64 -3.98 -26.56 -24.91
C SER B 64 -5.03 -26.00 -25.85
N ILE B 65 -5.32 -24.71 -25.69
CA ILE B 65 -6.22 -23.97 -26.56
C ILE B 65 -5.47 -22.81 -27.18
N MET B 66 -6.15 -22.04 -28.04
CA MET B 66 -5.54 -20.89 -28.70
C MET B 66 -6.59 -19.81 -28.88
N ILE B 67 -6.23 -18.58 -28.53
CA ILE B 67 -7.02 -17.40 -28.83
C ILE B 67 -6.39 -16.74 -30.04
N GLN B 68 -6.95 -16.93 -31.22
CA GLN B 68 -6.39 -16.30 -32.40
C GLN B 68 -6.95 -14.88 -32.56
N ASN B 69 -6.13 -14.00 -33.15
CA ASN B 69 -6.45 -12.59 -33.31
C ASN B 69 -6.79 -11.96 -31.96
N VAL B 70 -5.75 -11.88 -31.12
CA VAL B 70 -5.92 -11.44 -29.74
C VAL B 70 -6.28 -9.96 -29.70
N ASP B 71 -7.17 -9.61 -28.77
CA ASP B 71 -7.63 -8.26 -28.54
C ASP B 71 -7.08 -7.75 -27.22
N VAL B 72 -7.07 -6.42 -27.07
CA VAL B 72 -6.69 -5.83 -25.79
C VAL B 72 -7.63 -6.30 -24.69
N TYR B 73 -8.92 -6.42 -25.02
CA TYR B 73 -9.90 -6.93 -24.05
C TYR B 73 -9.60 -8.35 -23.59
N ASP B 74 -8.71 -9.09 -24.29
CA ASP B 74 -8.34 -10.42 -23.84
C ASP B 74 -7.32 -10.42 -22.70
N GLU B 75 -6.61 -9.30 -22.50
CA GLU B 75 -5.56 -9.28 -21.48
C GLU B 75 -6.14 -9.56 -20.11
N GLY B 76 -5.51 -10.49 -19.39
CA GLY B 76 -6.01 -10.89 -18.10
C GLY B 76 -5.57 -12.29 -17.71
N PRO B 77 -6.08 -12.79 -16.59
CA PRO B 77 -5.67 -14.12 -16.11
C PRO B 77 -6.48 -15.29 -16.69
N TYR B 78 -5.77 -16.25 -17.28
CA TYR B 78 -6.33 -17.50 -17.79
C TYR B 78 -5.78 -18.64 -16.97
N THR B 79 -6.66 -19.53 -16.53
CA THR B 79 -6.28 -20.62 -15.63
C THR B 79 -6.54 -21.98 -16.27
N CYS B 80 -5.61 -22.91 -16.08
CA CYS B 80 -5.84 -24.31 -16.39
C CYS B 80 -6.28 -24.97 -15.09
N SER B 81 -7.59 -25.13 -14.91
CA SER B 81 -8.14 -25.79 -13.73
C SER B 81 -8.40 -27.26 -14.05
N VAL B 82 -8.07 -28.15 -13.11
CA VAL B 82 -8.24 -29.58 -13.31
C VAL B 82 -8.76 -30.23 -12.03
N GLN B 83 -9.17 -31.49 -12.17
CA GLN B 83 -9.58 -32.33 -11.05
C GLN B 83 -8.83 -33.65 -11.13
N THR B 84 -8.07 -33.97 -10.09
CA THR B 84 -7.42 -35.27 -9.93
C THR B 84 -8.22 -36.12 -8.95
N ASP B 85 -7.79 -37.36 -8.79
CA ASP B 85 -8.44 -38.25 -7.83
C ASP B 85 -8.04 -37.95 -6.39
N ASN B 86 -7.23 -36.91 -6.14
CA ASN B 86 -6.82 -36.54 -4.79
C ASN B 86 -7.24 -35.13 -4.44
N HIS B 87 -6.81 -34.12 -5.19
CA HIS B 87 -7.16 -32.73 -4.95
C HIS B 87 -7.35 -32.00 -6.27
N PRO B 88 -8.13 -30.92 -6.29
CA PRO B 88 -8.13 -30.05 -7.48
C PRO B 88 -6.84 -29.24 -7.53
N LYS B 89 -6.36 -28.99 -8.75
CA LYS B 89 -5.17 -28.17 -8.92
C LYS B 89 -5.40 -27.18 -10.04
N THR B 90 -4.68 -26.07 -9.99
CA THR B 90 -4.80 -25.02 -11.00
C THR B 90 -3.40 -24.52 -11.35
N SER B 91 -3.34 -23.70 -12.41
CA SER B 91 -2.10 -23.07 -12.83
C SER B 91 -2.49 -21.81 -13.60
N ARG B 92 -2.19 -20.66 -13.01
CA ARG B 92 -2.64 -19.38 -13.55
C ARG B 92 -1.56 -18.76 -14.40
N VAL B 93 -1.98 -18.20 -15.53
CA VAL B 93 -1.08 -17.51 -16.44
C VAL B 93 -1.73 -16.18 -16.78
N HIS B 94 -0.92 -15.17 -17.07
CA HIS B 94 -1.45 -13.86 -17.43
C HIS B 94 -1.18 -13.60 -18.90
N LEU B 95 -2.25 -13.42 -19.67
CA LEU B 95 -2.11 -13.02 -21.06
C LEU B 95 -1.93 -11.51 -21.10
N ILE B 96 -0.79 -11.07 -21.62
CA ILE B 96 -0.44 -9.66 -21.74
C ILE B 96 -0.41 -9.31 -23.22
N VAL B 97 -1.24 -8.36 -23.61
CA VAL B 97 -1.36 -7.95 -25.00
C VAL B 97 -0.47 -6.73 -25.22
N GLN B 98 0.32 -6.76 -26.29
CA GLN B 98 1.27 -5.71 -26.60
C GLN B 98 0.81 -4.90 -27.80
N VAL B 99 0.94 -3.58 -27.70
CA VAL B 99 0.49 -2.68 -28.76
C VAL B 99 1.66 -1.80 -29.19
N PRO B 100 1.96 -1.71 -30.48
CA PRO B 100 2.97 -0.77 -30.95
C PRO B 100 2.65 0.63 -30.45
N PRO B 101 3.67 1.45 -30.21
CA PRO B 101 3.41 2.80 -29.70
C PRO B 101 2.92 3.70 -30.81
N GLN B 102 2.16 4.72 -30.42
CA GLN B 102 1.67 5.70 -31.38
C GLN B 102 1.57 7.08 -30.74
N ILE B 103 2.13 8.08 -31.43
CA ILE B 103 1.98 9.47 -30.99
C ILE B 103 0.54 9.89 -31.26
N MET B 104 -0.17 10.31 -30.21
CA MET B 104 -1.52 10.83 -30.38
C MET B 104 -1.50 12.31 -30.74
N ASN B 105 -1.51 13.20 -29.74
CA ASN B 105 -1.35 14.63 -30.00
C ASN B 105 0.12 14.99 -29.94
N ILE B 106 0.51 15.92 -30.80
CA ILE B 106 1.87 16.48 -30.81
C ILE B 106 1.73 17.99 -30.92
N SER B 107 2.67 18.70 -30.30
CA SER B 107 2.68 20.16 -30.43
C SER B 107 2.85 20.53 -31.90
N SER B 108 2.13 21.57 -32.31
CA SER B 108 2.21 22.02 -33.69
C SER B 108 3.33 23.04 -33.84
N ASP B 109 3.80 23.20 -35.08
CA ASP B 109 4.93 24.10 -35.36
C ASP B 109 4.69 25.47 -34.76
N ILE B 110 5.76 26.10 -34.29
CA ILE B 110 5.64 27.43 -33.73
C ILE B 110 6.76 28.32 -34.22
N THR B 111 6.47 29.60 -34.30
CA THR B 111 7.46 30.66 -34.33
C THR B 111 7.37 31.39 -33.00
N VAL B 112 8.54 31.68 -32.40
CA VAL B 112 8.59 32.45 -31.15
C VAL B 112 9.79 33.39 -31.19
N ASN B 113 9.68 34.50 -30.48
CA ASN B 113 10.78 35.45 -30.42
C ASN B 113 11.88 34.92 -29.52
N GLU B 114 13.12 35.33 -29.83
CA GLU B 114 14.27 34.93 -29.04
C GLU B 114 14.11 35.31 -27.58
N GLY B 115 14.55 34.43 -26.68
CA GLY B 115 14.52 34.71 -25.26
C GLY B 115 13.26 34.28 -24.53
N SER B 116 12.19 33.97 -25.24
CA SER B 116 10.96 33.53 -24.61
C SER B 116 11.01 32.03 -24.31
N SER B 117 9.93 31.50 -23.75
CA SER B 117 9.86 30.10 -23.37
C SER B 117 9.07 29.30 -24.40
N VAL B 118 9.42 28.01 -24.50
CA VAL B 118 8.75 27.09 -25.40
C VAL B 118 8.48 25.80 -24.64
N THR B 119 7.26 25.27 -24.77
CA THR B 119 6.93 23.96 -24.22
C THR B 119 6.37 23.10 -25.34
N LEU B 120 7.05 22.00 -25.64
CA LEU B 120 6.57 21.00 -26.58
C LEU B 120 6.04 19.81 -25.79
N LEU B 121 4.96 19.20 -26.28
CA LEU B 121 4.34 18.10 -25.56
C LEU B 121 4.09 16.95 -26.53
N CYS B 122 4.53 15.76 -26.14
CA CYS B 122 4.38 14.57 -26.95
C CYS B 122 3.74 13.48 -26.11
N LEU B 123 2.44 13.25 -26.30
CA LEU B 123 1.73 12.22 -25.58
C LEU B 123 1.51 11.03 -26.51
N ALA B 124 1.85 9.84 -26.03
CA ALA B 124 1.78 8.63 -26.83
C ALA B 124 1.15 7.52 -26.00
N ILE B 125 0.75 6.44 -26.67
CA ILE B 125 0.13 5.28 -26.03
C ILE B 125 0.83 4.01 -26.51
N GLY B 126 0.52 2.90 -25.86
CA GLY B 126 1.14 1.63 -26.19
C GLY B 126 1.15 0.71 -25.00
N ARG B 127 1.45 -0.56 -25.27
CA ARG B 127 1.46 -1.61 -24.24
C ARG B 127 2.77 -2.38 -24.31
N PRO B 128 3.62 -2.32 -23.26
CA PRO B 128 3.36 -1.52 -22.06
C PRO B 128 3.57 -0.03 -22.30
N GLU B 129 3.28 0.79 -21.31
CA GLU B 129 3.28 2.24 -21.51
C GLU B 129 4.64 2.70 -22.03
N PRO B 130 4.69 3.47 -23.11
CA PRO B 130 5.97 3.76 -23.75
C PRO B 130 6.70 4.91 -23.07
N THR B 131 8.02 4.90 -23.25
CA THR B 131 8.84 6.04 -22.88
C THR B 131 9.17 6.84 -24.14
N VAL B 132 9.52 8.10 -23.95
CA VAL B 132 9.59 9.06 -25.04
C VAL B 132 10.87 9.88 -24.89
N THR B 133 11.50 10.20 -26.03
CA THR B 133 12.69 11.03 -26.05
C THR B 133 12.56 12.09 -27.13
N TRP B 134 12.95 13.32 -26.79
CA TRP B 134 13.07 14.41 -27.73
C TRP B 134 14.51 14.55 -28.19
N ARG B 135 14.70 14.85 -29.47
CA ARG B 135 16.03 15.01 -30.02
C ARG B 135 16.02 16.21 -30.97
N HIS B 136 16.88 17.19 -30.69
CA HIS B 136 17.09 18.29 -31.61
C HIS B 136 17.87 17.78 -32.82
N LEU B 137 17.36 18.06 -34.02
CA LEU B 137 17.90 17.49 -35.25
C LEU B 137 19.06 18.29 -35.85
N SER B 138 19.64 19.23 -35.11
CA SER B 138 20.78 20.00 -35.57
C SER B 138 21.99 19.67 -34.68
N VAL B 139 22.66 20.64 -34.06
CA VAL B 139 23.75 20.33 -33.15
C VAL B 139 23.16 19.92 -31.79
N GLY B 144 22.17 14.64 -29.72
CA GLY B 144 21.55 15.80 -29.10
C GLY B 144 20.24 15.52 -28.37
N PHE B 145 20.30 14.62 -27.40
CA PHE B 145 19.12 14.25 -26.61
C PHE B 145 18.80 15.39 -25.66
N VAL B 146 17.78 16.19 -26.01
CA VAL B 146 17.45 17.36 -25.20
C VAL B 146 16.62 16.96 -23.98
N SER B 147 15.64 16.07 -24.15
CA SER B 147 14.78 15.66 -23.05
C SER B 147 14.33 14.23 -23.25
N GLU B 148 13.80 13.64 -22.18
CA GLU B 148 13.27 12.29 -22.21
C GLU B 148 11.93 12.23 -21.50
N ASP B 149 11.08 13.23 -21.73
CA ASP B 149 9.77 13.32 -21.11
C ASP B 149 8.77 13.80 -22.14
N GLU B 150 7.49 13.49 -21.88
CA GLU B 150 6.41 14.01 -22.72
C GLU B 150 6.55 15.50 -22.94
N TYR B 151 6.88 16.24 -21.89
CA TYR B 151 7.12 17.67 -21.96
C TYR B 151 8.61 17.92 -22.22
N LEU B 152 8.89 18.72 -23.24
CA LEU B 152 10.19 19.32 -23.44
C LEU B 152 10.04 20.82 -23.20
N GLU B 153 10.73 21.34 -22.20
CA GLU B 153 10.64 22.76 -21.87
C GLU B 153 11.98 23.45 -22.12
N ILE B 154 11.93 24.51 -22.92
CA ILE B 154 13.09 25.32 -23.28
C ILE B 154 12.87 26.73 -22.75
N SER B 155 13.83 27.23 -21.99
CA SER B 155 13.76 28.60 -21.47
C SER B 155 14.86 29.45 -22.10
N ASP B 156 14.52 30.71 -22.37
CA ASP B 156 15.41 31.65 -23.04
C ASP B 156 15.98 31.03 -24.33
N ILE B 157 15.08 30.88 -25.30
CA ILE B 157 15.41 30.18 -26.53
C ILE B 157 16.35 31.02 -27.37
N LYS B 158 17.48 30.45 -27.75
CA LYS B 158 18.44 31.14 -28.60
C LYS B 158 18.14 30.80 -30.05
N ARG B 159 18.70 31.60 -30.95
CA ARG B 159 18.47 31.38 -32.38
C ARG B 159 18.99 30.02 -32.83
N ASP B 160 20.06 29.53 -32.22
CA ASP B 160 20.60 28.23 -32.62
C ASP B 160 19.77 27.07 -32.12
N GLN B 161 18.73 27.34 -31.32
CA GLN B 161 17.81 26.32 -30.89
C GLN B 161 16.60 26.18 -31.81
N SER B 162 16.60 26.86 -32.95
CA SER B 162 15.55 26.65 -33.94
C SER B 162 15.73 25.30 -34.63
N GLY B 163 14.78 24.95 -35.48
CA GLY B 163 14.82 23.72 -36.23
C GLY B 163 13.80 22.71 -35.78
N GLU B 164 14.09 21.45 -36.10
CA GLU B 164 13.16 20.35 -35.90
C GLU B 164 13.54 19.57 -34.65
N TYR B 165 12.56 19.40 -33.77
CA TYR B 165 12.67 18.54 -32.60
C TYR B 165 11.84 17.30 -32.84
N GLU B 166 12.44 16.14 -32.59
CA GLU B 166 11.88 14.87 -32.99
C GLU B 166 11.48 14.12 -31.73
N CYS B 167 10.20 13.77 -31.65
CA CYS B 167 9.68 12.95 -30.59
C CYS B 167 9.70 11.50 -31.04
N SER B 168 10.28 10.64 -30.21
CA SER B 168 10.41 9.22 -30.48
C SER B 168 9.86 8.46 -29.28
N ALA B 169 8.77 7.72 -29.49
CA ALA B 169 8.12 6.95 -28.45
C ALA B 169 8.33 5.47 -28.72
N LEU B 170 8.87 4.77 -27.72
CA LEU B 170 9.14 3.35 -27.86
C LEU B 170 8.62 2.60 -26.63
N ASN B 171 8.19 1.37 -26.88
CA ASN B 171 7.83 0.43 -25.82
C ASN B 171 8.46 -0.94 -26.07
N ASP B 172 9.44 -1.03 -26.97
CA ASP B 172 10.11 -2.28 -27.33
C ASP B 172 9.16 -3.25 -28.03
N VAL B 173 8.18 -2.73 -28.77
CA VAL B 173 7.31 -3.53 -29.61
C VAL B 173 7.30 -2.91 -30.99
N ALA B 174 7.74 -3.69 -32.00
CA ALA B 174 7.90 -3.18 -33.35
C ALA B 174 8.74 -1.92 -33.35
N ALA B 175 8.62 -1.10 -34.40
CA ALA B 175 9.38 0.14 -34.45
C ALA B 175 8.81 1.18 -33.50
N PRO B 176 9.65 2.06 -32.95
CA PRO B 176 9.12 3.23 -32.24
C PRO B 176 8.47 4.20 -33.20
N ASP B 177 7.51 4.97 -32.70
CA ASP B 177 6.83 5.96 -33.51
C ASP B 177 7.52 7.30 -33.34
N VAL B 178 7.85 7.96 -34.45
CA VAL B 178 8.52 9.25 -34.41
C VAL B 178 7.66 10.26 -35.14
N ARG B 179 7.75 11.51 -34.70
CA ARG B 179 7.08 12.62 -35.36
C ARG B 179 7.79 13.89 -34.92
N LYS B 180 7.73 14.93 -35.74
CA LYS B 180 8.59 16.09 -35.51
C LYS B 180 7.78 17.38 -35.47
N VAL B 181 8.37 18.37 -34.80
CA VAL B 181 7.79 19.70 -34.67
C VAL B 181 8.90 20.73 -34.89
N LYS B 182 8.56 21.85 -35.51
CA LYS B 182 9.54 22.84 -35.91
C LYS B 182 9.36 24.11 -35.10
N ILE B 183 10.38 24.46 -34.33
CA ILE B 183 10.48 25.76 -33.67
C ILE B 183 11.30 26.67 -34.56
N THR B 184 10.72 27.80 -34.96
CA THR B 184 11.47 28.83 -35.65
C THR B 184 11.57 30.01 -34.71
N VAL B 185 12.80 30.45 -34.44
CA VAL B 185 13.07 31.52 -33.50
C VAL B 185 13.31 32.79 -34.29
N ASN B 186 12.57 33.84 -33.95
CA ASN B 186 12.80 35.17 -34.48
C ASN B 186 13.95 35.83 -33.72
N TYR B 187 14.81 36.52 -34.46
CA TYR B 187 15.89 37.25 -33.83
C TYR B 187 16.20 38.47 -34.68
N PRO B 188 16.68 39.56 -34.09
CA PRO B 188 16.96 40.77 -34.86
C PRO B 188 18.13 40.57 -35.78
N PRO B 189 18.23 41.34 -36.86
CA PRO B 189 19.27 41.08 -37.87
C PRO B 189 20.67 41.45 -37.41
N TYR B 190 21.64 40.80 -38.05
CA TYR B 190 23.04 41.20 -37.98
C TYR B 190 23.65 41.05 -39.36
N ILE B 191 24.58 41.95 -39.70
CA ILE B 191 25.22 41.95 -41.01
C ILE B 191 26.21 40.80 -41.08
N SER B 192 26.10 39.98 -42.11
CA SER B 192 26.99 38.85 -42.27
C SER B 192 27.89 38.96 -43.49
N LYS B 193 27.64 39.90 -44.41
CA LYS B 193 28.58 40.20 -45.48
C LYS B 193 28.54 41.69 -45.79
N ALA B 194 29.72 42.28 -45.95
CA ALA B 194 29.84 43.69 -46.26
C ALA B 194 31.25 44.05 -46.72
N LYS B 195 31.59 43.69 -47.96
CA LYS B 195 32.89 44.04 -48.52
C LYS B 195 32.89 45.49 -49.02
N ASN B 196 34.08 46.09 -49.05
CA ASN B 196 34.26 47.33 -49.80
C ASN B 196 34.54 46.97 -51.26
N THR B 197 34.31 47.92 -52.16
CA THR B 197 34.64 47.71 -53.56
C THR B 197 35.30 48.95 -54.14
N GLY B 198 36.38 48.74 -54.88
CA GLY B 198 37.04 49.81 -55.60
C GLY B 198 36.73 49.71 -57.08
N VAL B 199 36.53 50.86 -57.72
CA VAL B 199 36.15 50.90 -59.13
C VAL B 199 36.74 52.17 -59.75
N SER B 200 37.31 52.00 -60.94
CA SER B 200 37.81 53.14 -61.70
C SER B 200 36.64 53.93 -62.28
N VAL B 201 36.79 55.26 -62.29
CA VAL B 201 35.74 56.16 -62.76
C VAL B 201 35.32 55.75 -64.16
N GLY B 202 34.01 55.62 -64.35
CA GLY B 202 33.45 55.22 -65.62
C GLY B 202 33.16 53.73 -65.76
N GLN B 203 33.40 52.94 -64.72
CA GLN B 203 33.11 51.52 -64.75
C GLN B 203 31.83 51.22 -63.98
N LYS B 204 31.49 49.93 -63.90
CA LYS B 204 30.34 49.45 -63.17
C LYS B 204 30.77 49.10 -61.75
N GLY B 205 30.20 49.77 -60.75
CA GLY B 205 30.53 49.55 -59.35
C GLY B 205 29.38 48.93 -58.58
N ILE B 206 29.69 47.89 -57.81
CA ILE B 206 28.69 47.10 -57.10
C ILE B 206 29.07 47.06 -55.62
N LEU B 207 28.26 47.68 -54.77
CA LEU B 207 28.26 47.44 -53.34
C LEU B 207 27.21 46.40 -53.00
N SER B 208 27.42 45.67 -51.91
CA SER B 208 26.42 44.69 -51.50
C SER B 208 26.62 44.31 -50.04
N CYS B 209 25.51 44.13 -49.34
CA CYS B 209 25.45 43.64 -47.98
C CYS B 209 24.64 42.35 -47.93
N GLU B 210 24.77 41.65 -46.80
CA GLU B 210 23.98 40.46 -46.55
C GLU B 210 23.74 40.37 -45.06
N ALA B 211 22.47 40.34 -44.67
CA ALA B 211 22.08 40.21 -43.28
C ALA B 211 21.57 38.81 -42.98
N SER B 212 21.61 38.47 -41.69
CA SER B 212 21.10 37.21 -41.19
C SER B 212 20.05 37.54 -40.13
N ALA B 213 18.80 37.21 -40.42
CA ALA B 213 17.68 37.61 -39.58
C ALA B 213 16.51 36.67 -39.82
N VAL B 214 15.66 36.51 -38.81
CA VAL B 214 14.43 35.75 -38.91
C VAL B 214 13.33 36.58 -38.24
N PRO B 215 12.29 37.01 -38.97
CA PRO B 215 12.18 36.85 -40.43
C PRO B 215 13.25 37.65 -41.16
N MET B 216 13.45 37.36 -42.45
CA MET B 216 14.48 38.02 -43.25
C MET B 216 14.43 39.53 -43.05
N ALA B 217 15.59 40.15 -43.12
CA ALA B 217 15.65 41.60 -42.99
C ALA B 217 15.37 42.24 -44.34
N GLU B 218 14.71 43.40 -44.29
CA GLU B 218 14.67 44.30 -45.43
C GLU B 218 15.84 45.27 -45.34
N PHE B 219 16.37 45.67 -46.50
CA PHE B 219 17.55 46.52 -46.57
C PHE B 219 17.21 47.93 -47.05
N GLN B 220 18.02 48.89 -46.59
CA GLN B 220 17.96 50.25 -47.08
C GLN B 220 19.37 50.80 -47.18
N TRP B 221 19.62 51.64 -48.19
CA TRP B 221 20.94 52.17 -48.47
C TRP B 221 20.98 53.68 -48.19
N PHE B 222 22.01 54.11 -47.47
CA PHE B 222 22.16 55.49 -47.05
C PHE B 222 23.53 56.01 -47.43
N LYS B 223 23.63 57.31 -47.58
CA LYS B 223 24.91 58.01 -47.66
C LYS B 223 24.81 59.25 -46.81
N GLU B 224 25.70 59.37 -45.83
CA GLU B 224 25.68 60.47 -44.86
C GLU B 224 24.30 60.62 -44.21
N GLU B 225 23.70 59.50 -43.85
CA GLU B 225 22.43 59.47 -43.14
C GLU B 225 21.30 60.13 -43.94
N THR B 226 21.30 59.91 -45.25
CA THR B 226 20.17 60.23 -46.12
C THR B 226 19.94 59.04 -47.05
N ARG B 227 18.68 58.63 -47.19
CA ARG B 227 18.36 57.38 -47.88
C ARG B 227 18.43 57.51 -49.40
N LEU B 228 18.85 56.42 -50.04
CA LEU B 228 18.92 56.30 -51.49
C LEU B 228 17.75 55.49 -52.01
N ALA B 229 17.07 56.00 -53.04
CA ALA B 229 15.95 55.34 -53.70
C ALA B 229 16.42 54.66 -54.99
N THR B 230 15.65 53.66 -55.42
CA THR B 230 16.01 52.88 -56.61
C THR B 230 15.94 53.71 -57.89
N GLY B 231 14.87 54.50 -58.05
CA GLY B 231 14.64 55.25 -59.27
C GLY B 231 15.72 56.26 -59.64
N LEU B 232 16.60 56.61 -58.69
CA LEU B 232 17.63 57.62 -58.97
C LEU B 232 18.51 57.19 -60.15
N ASP B 233 19.02 58.20 -60.86
CA ASP B 233 19.85 57.96 -62.04
C ASP B 233 21.21 57.44 -61.63
N GLY B 234 21.74 56.53 -62.46
CA GLY B 234 23.08 56.02 -62.32
C GLY B 234 23.25 54.89 -61.33
N MET B 235 22.26 54.62 -60.49
CA MET B 235 22.35 53.52 -59.53
C MET B 235 21.02 52.77 -59.47
N ARG B 236 21.07 51.57 -58.91
CA ARG B 236 19.88 50.75 -58.70
C ARG B 236 20.08 49.87 -57.47
N ILE B 237 19.03 49.76 -56.65
CA ILE B 237 19.01 48.89 -55.48
C ILE B 237 18.27 47.61 -55.85
N GLU B 238 18.91 46.46 -55.64
CA GLU B 238 18.31 45.16 -55.87
C GLU B 238 18.38 44.32 -54.61
N ASN B 239 17.27 43.66 -54.26
CA ASN B 239 17.19 42.86 -53.05
C ASN B 239 16.92 41.40 -53.41
N LYS B 240 17.64 40.50 -52.73
CA LYS B 240 17.39 39.07 -52.80
C LYS B 240 17.04 38.56 -51.41
N GLY B 241 17.12 37.24 -51.21
CA GLY B 241 17.06 36.72 -49.88
C GLY B 241 18.30 37.15 -49.13
N ARG B 242 18.11 37.82 -47.98
CA ARG B 242 19.22 38.23 -47.11
C ARG B 242 20.15 39.25 -47.77
N MET B 243 20.38 39.15 -49.08
CA MET B 243 21.38 39.96 -49.76
C MET B 243 20.76 41.21 -50.38
N SER B 244 21.55 42.28 -50.49
CA SER B 244 21.13 43.48 -51.20
C SER B 244 22.34 44.11 -51.89
N THR B 245 22.14 44.64 -53.10
CA THR B 245 23.22 45.21 -53.88
C THR B 245 22.83 46.61 -54.37
N LEU B 246 23.74 47.55 -54.20
CA LEU B 246 23.63 48.90 -54.75
C LEU B 246 24.58 49.01 -55.93
N THR B 247 24.03 49.22 -57.12
CA THR B 247 24.78 49.21 -58.36
C THR B 247 24.96 50.63 -58.89
N PHE B 248 26.19 50.97 -59.25
CA PHE B 248 26.49 52.18 -60.00
C PHE B 248 26.86 51.78 -61.42
N PHE B 249 26.19 52.36 -62.41
CA PHE B 249 26.44 51.99 -63.80
C PHE B 249 27.50 52.87 -64.43
N ASN B 250 27.56 54.14 -64.03
CA ASN B 250 28.59 55.07 -64.48
C ASN B 250 29.09 55.79 -63.24
N VAL B 251 30.27 55.42 -62.77
CA VAL B 251 30.81 55.98 -61.53
C VAL B 251 31.45 57.33 -61.81
N SER B 252 31.32 58.23 -60.86
CA SER B 252 31.95 59.54 -60.91
C SER B 252 32.70 59.77 -59.62
N GLU B 253 33.49 60.85 -59.58
CA GLU B 253 34.24 61.16 -58.37
C GLU B 253 33.32 61.44 -57.19
N LYS B 254 32.07 61.88 -57.44
CA LYS B 254 31.12 62.12 -56.36
C LYS B 254 30.61 60.82 -55.75
N ASP B 255 30.50 59.75 -56.55
CA ASP B 255 29.97 58.48 -56.07
C ASP B 255 30.86 57.83 -55.02
N TYR B 256 32.14 58.18 -55.01
CA TYR B 256 33.07 57.65 -54.02
C TYR B 256 32.67 58.08 -52.62
N GLY B 257 32.82 57.19 -51.65
CA GLY B 257 32.55 57.54 -50.28
C GLY B 257 32.03 56.34 -49.50
N ASN B 258 31.38 56.64 -48.38
CA ASN B 258 30.85 55.63 -47.48
C ASN B 258 29.35 55.48 -47.68
N TYR B 259 28.91 54.23 -47.76
CA TYR B 259 27.49 53.90 -47.86
C TYR B 259 27.14 52.95 -46.73
N THR B 260 25.98 53.18 -46.12
CA THR B 260 25.51 52.36 -45.02
C THR B 260 24.36 51.51 -45.51
N CYS B 261 24.46 50.21 -45.29
CA CYS B 261 23.40 49.27 -45.54
C CYS B 261 22.74 48.92 -44.20
N VAL B 262 21.45 49.19 -44.10
CA VAL B 262 20.66 49.02 -42.89
C VAL B 262 19.68 47.87 -43.09
N ALA B 263 19.88 46.82 -42.32
CA ALA B 263 18.97 45.68 -42.30
C ALA B 263 18.02 45.81 -41.11
N THR B 264 16.73 45.63 -41.36
CA THR B 264 15.69 45.80 -40.36
C THR B 264 14.76 44.60 -40.38
N ASN B 265 14.28 44.19 -39.21
CA ASN B 265 13.14 43.28 -39.14
C ASN B 265 12.31 43.63 -37.89
N LYS B 266 11.19 42.90 -37.72
CA LYS B 266 10.16 43.29 -36.77
C LYS B 266 10.67 43.44 -35.33
N LEU B 267 11.88 43.00 -35.02
CA LEU B 267 12.35 43.16 -33.64
C LEU B 267 13.78 43.67 -33.56
N GLY B 268 14.20 44.49 -34.51
CA GLY B 268 15.50 45.14 -34.38
C GLY B 268 16.07 45.55 -35.72
N ASN B 269 17.12 46.36 -35.64
CA ASN B 269 17.83 46.81 -36.82
C ASN B 269 19.33 46.77 -36.57
N THR B 270 20.08 46.82 -37.67
CA THR B 270 21.53 46.89 -37.64
C THR B 270 21.99 47.52 -38.94
N ASN B 271 23.26 47.93 -38.99
CA ASN B 271 23.80 48.45 -40.23
C ASN B 271 25.29 48.23 -40.28
N ALA B 272 25.83 48.32 -41.48
CA ALA B 272 27.27 48.36 -41.67
C ALA B 272 27.56 49.43 -42.70
N SER B 273 28.82 49.88 -42.73
CA SER B 273 29.25 50.88 -43.70
C SER B 273 30.37 50.30 -44.54
N ILE B 274 30.32 50.55 -45.84
CA ILE B 274 31.28 50.06 -46.79
C ILE B 274 31.64 51.19 -47.75
N THR B 275 32.84 51.13 -48.30
CA THR B 275 33.43 52.24 -49.03
C THR B 275 33.46 51.91 -50.52
N LEU B 276 32.98 52.84 -51.33
CA LEU B 276 33.26 52.86 -52.77
C LEU B 276 34.46 53.77 -52.99
N TYR B 277 35.61 53.19 -53.29
CA TYR B 277 36.89 53.88 -53.34
C TYR B 277 37.55 53.68 -54.71
N GLY B 278 38.56 54.50 -55.00
CA GLY B 278 39.25 54.41 -56.26
C GLY B 278 40.46 53.51 -56.17
N PRO B 279 40.81 52.86 -57.27
CA PRO B 279 41.96 51.95 -57.30
C PRO B 279 43.28 52.66 -56.97
N GLY B 280 44.31 51.86 -56.77
CA GLY B 280 45.63 52.36 -56.47
C GLY B 280 46.45 51.34 -55.73
N ALA B 281 47.76 51.59 -55.71
CA ALA B 281 48.68 50.71 -55.01
C ALA B 281 48.50 50.83 -53.49
N ALA B 282 48.85 49.75 -52.78
CA ALA B 282 48.82 49.74 -51.32
C ALA B 282 49.92 48.83 -50.81
N LEU B 283 50.53 49.22 -49.69
CA LEU B 283 51.65 48.49 -49.09
C LEU B 283 51.38 48.19 -47.62
N VAL B 284 51.28 46.89 -47.29
CA VAL B 284 50.94 46.41 -45.95
C VAL B 284 49.52 46.83 -45.59
#